data_4HR2
#
_entry.id   4HR2
#
_cell.length_a   91.240
_cell.length_b   91.240
_cell.length_c   90.190
_cell.angle_alpha   90.000
_cell.angle_beta   90.000
_cell.angle_gamma   90.000
#
_symmetry.space_group_name_H-M   'P 41 2 2'
#
loop_
_entity.id
_entity.type
_entity.pdbx_description
1 polymer 'Nucleoside diphosphate kinase'
2 non-polymer "ADENOSINE-5'-DIPHOSPHATE"
3 water water
#
_entity_poly.entity_id   1
_entity_poly.type   'polypeptide(L)'
_entity_poly.pdbx_seq_one_letter_code
;GPGSMALERTLSIIKPDAVAKNVIGQIYSRFENAGLKIVAARMAHLSRADAEKFYAVHAERPFFKDLVEFMISGPVMIQV
LEGEDAILKNRDLMGATDPKKAEKGTIRADFADSIDANAVHGSDAPETARVEIAFFFPEMNVYSR
;
_entity_poly.pdbx_strand_id   A,B
#
# COMPACT_ATOMS: atom_id res chain seq x y z
N SER A 4 -6.25 -28.42 0.84
CA SER A 4 -5.60 -27.15 0.40
C SER A 4 -6.09 -26.78 -0.99
N MET A 5 -6.11 -25.49 -1.30
CA MET A 5 -6.42 -24.99 -2.65
CA MET A 5 -6.37 -25.08 -2.68
C MET A 5 -5.17 -24.35 -3.24
N ALA A 6 -5.15 -24.16 -4.56
CA ALA A 6 -3.99 -23.59 -5.21
C ALA A 6 -3.65 -22.20 -4.65
N LEU A 7 -2.36 -21.94 -4.49
CA LEU A 7 -1.87 -20.63 -4.18
C LEU A 7 -1.98 -19.77 -5.42
N GLU A 8 -2.67 -18.65 -5.34
CA GLU A 8 -2.92 -17.82 -6.51
C GLU A 8 -2.48 -16.38 -6.27
N ARG A 9 -2.21 -15.67 -7.37
CA ARG A 9 -2.00 -14.23 -7.37
C ARG A 9 -3.09 -13.58 -8.18
N THR A 10 -3.58 -12.45 -7.67
CA THR A 10 -4.61 -11.68 -8.33
C THR A 10 -4.33 -10.19 -8.25
N LEU A 11 -4.87 -9.44 -9.22
CA LEU A 11 -4.60 -8.01 -9.32
C LEU A 11 -5.75 -7.26 -8.71
N SER A 12 -5.43 -6.40 -7.74
CA SER A 12 -6.40 -5.62 -7.01
C SER A 12 -6.15 -4.14 -7.28
N ILE A 13 -7.22 -3.35 -7.44
CA ILE A 13 -7.09 -1.90 -7.51
C ILE A 13 -8.05 -1.25 -6.54
N ILE A 14 -7.53 -0.33 -5.72
CA ILE A 14 -8.39 0.54 -4.89
C ILE A 14 -8.57 1.78 -5.73
N LYS A 15 -9.81 2.02 -6.12
CA LYS A 15 -10.13 3.02 -7.12
C LYS A 15 -10.08 4.43 -6.55
N PRO A 16 -10.17 5.44 -7.40
CA PRO A 16 -9.92 6.79 -6.90
C PRO A 16 -10.85 7.27 -5.79
N ASP A 17 -12.08 6.75 -5.74
CA ASP A 17 -13.06 7.11 -4.71
C ASP A 17 -12.59 6.72 -3.31
N ALA A 18 -12.13 5.48 -3.17
CA ALA A 18 -11.72 4.94 -1.91
C ALA A 18 -10.37 5.49 -1.49
N VAL A 19 -9.48 5.74 -2.45
CA VAL A 19 -8.24 6.44 -2.15
C VAL A 19 -8.57 7.81 -1.53
N ALA A 20 -9.45 8.56 -2.18
CA ALA A 20 -9.88 9.89 -1.69
C ALA A 20 -10.54 9.83 -0.31
N LYS A 21 -11.24 8.73 -0.03
CA LYS A 21 -11.84 8.52 1.30
C LYS A 21 -10.79 8.20 2.37
N ASN A 22 -9.54 7.96 1.97
CA ASN A 22 -8.48 7.62 2.93
C ASN A 22 -8.84 6.36 3.73
N VAL A 23 -9.26 5.33 3.00
CA VAL A 23 -9.59 4.03 3.58
C VAL A 23 -8.75 2.91 2.95
N ILE A 24 -7.59 3.26 2.41
CA ILE A 24 -6.66 2.28 1.85
C ILE A 24 -6.34 1.23 2.91
N GLY A 25 -5.99 1.70 4.11
CA GLY A 25 -5.66 0.83 5.21
C GLY A 25 -6.78 -0.13 5.58
N GLN A 26 -8.00 0.38 5.71
CA GLN A 26 -9.12 -0.50 6.05
C GLN A 26 -9.29 -1.60 4.99
N ILE A 27 -9.13 -1.24 3.73
CA ILE A 27 -9.32 -2.21 2.65
C ILE A 27 -8.18 -3.22 2.66
N TYR A 28 -6.94 -2.75 2.84
CA TYR A 28 -5.79 -3.64 2.99
C TYR A 28 -6.05 -4.66 4.13
N SER A 29 -6.58 -4.22 5.26
CA SER A 29 -6.85 -5.12 6.39
C SER A 29 -7.91 -6.18 6.05
N ARG A 30 -8.88 -5.87 5.19
CA ARG A 30 -9.82 -6.89 4.72
C ARG A 30 -9.07 -8.05 4.04
N PHE A 31 -8.12 -7.70 3.17
CA PHE A 31 -7.32 -8.70 2.47
C PHE A 31 -6.44 -9.48 3.45
N GLU A 32 -5.68 -8.74 4.24
CA GLU A 32 -4.73 -9.32 5.17
C GLU A 32 -5.39 -10.19 6.23
N ASN A 33 -6.55 -9.78 6.72
CA ASN A 33 -7.25 -10.58 7.74
C ASN A 33 -7.91 -11.82 7.17
N ALA A 34 -8.12 -11.82 5.86
CA ALA A 34 -8.66 -12.97 5.14
C ALA A 34 -7.56 -13.98 4.77
N GLY A 35 -6.30 -13.69 5.10
CA GLY A 35 -5.21 -14.60 4.81
C GLY A 35 -4.46 -14.31 3.51
N LEU A 36 -4.75 -13.17 2.88
CA LEU A 36 -4.07 -12.78 1.64
C LEU A 36 -2.90 -11.87 1.99
N LYS A 37 -1.85 -11.96 1.18
CA LYS A 37 -0.65 -11.19 1.42
C LYS A 37 -0.43 -10.24 0.25
N ILE A 38 -0.07 -9.02 0.59
CA ILE A 38 0.33 -8.00 -0.38
C ILE A 38 1.77 -8.30 -0.80
N VAL A 39 1.92 -8.70 -2.07
CA VAL A 39 3.23 -9.10 -2.59
C VAL A 39 3.80 -8.11 -3.64
N ALA A 40 2.97 -7.17 -4.09
CA ALA A 40 3.43 -6.04 -4.90
C ALA A 40 2.46 -4.91 -4.68
N ALA A 41 2.91 -3.68 -4.82
CA ALA A 41 2.04 -2.55 -4.58
C ALA A 41 2.64 -1.28 -5.13
N ARG A 42 1.75 -0.42 -5.63
CA ARG A 42 2.14 0.87 -6.14
C ARG A 42 0.94 1.80 -6.20
N MET A 43 1.12 3.04 -5.73
CA MET A 43 0.15 4.10 -6.02
C MET A 43 0.48 4.69 -7.38
N ALA A 44 -0.52 4.84 -8.21
CA ALA A 44 -0.33 5.42 -9.56
C ALA A 44 -1.51 6.31 -9.94
N HIS A 45 -1.31 7.08 -11.00
CA HIS A 45 -2.39 7.81 -11.64
C HIS A 45 -2.44 7.39 -13.12
N LEU A 46 -3.47 6.61 -13.47
CA LEU A 46 -3.58 5.99 -14.81
C LEU A 46 -3.81 7.01 -15.88
N SER A 47 -3.19 6.79 -17.03
CA SER A 47 -3.51 7.54 -18.24
C SER A 47 -4.78 6.97 -18.86
N ARG A 48 -5.40 7.79 -19.70
CA ARG A 48 -6.57 7.35 -20.46
C ARG A 48 -6.25 6.07 -21.21
N ALA A 49 -5.10 6.07 -21.89
CA ALA A 49 -4.71 4.95 -22.75
C ALA A 49 -4.60 3.66 -21.94
N ASP A 50 -3.95 3.77 -20.79
CA ASP A 50 -3.78 2.62 -19.92
C ASP A 50 -5.09 2.11 -19.33
N ALA A 51 -5.99 3.02 -18.95
CA ALA A 51 -7.29 2.60 -18.44
C ALA A 51 -8.06 1.87 -19.55
N GLU A 52 -8.02 2.42 -20.77
CA GLU A 52 -8.73 1.83 -21.90
C GLU A 52 -8.22 0.45 -22.24
N LYS A 53 -6.89 0.33 -22.29
CA LYS A 53 -6.27 -0.97 -22.51
C LYS A 53 -6.69 -1.97 -21.42
N PHE A 54 -6.54 -1.56 -20.17
CA PHE A 54 -6.77 -2.44 -19.05
C PHE A 54 -8.21 -2.96 -19.03
N TYR A 55 -9.16 -2.09 -19.37
CA TYR A 55 -10.59 -2.44 -19.44
C TYR A 55 -11.12 -2.73 -20.86
N ALA A 56 -10.23 -3.13 -21.77
CA ALA A 56 -10.58 -3.41 -23.17
C ALA A 56 -11.77 -4.36 -23.32
N VAL A 57 -11.86 -5.34 -22.42
CA VAL A 57 -12.96 -6.29 -22.45
C VAL A 57 -14.35 -5.59 -22.42
N HIS A 58 -14.42 -4.40 -21.85
CA HIS A 58 -15.69 -3.64 -21.76
C HIS A 58 -15.83 -2.54 -22.81
N ALA A 59 -14.97 -2.55 -23.82
CA ALA A 59 -14.90 -1.46 -24.79
C ALA A 59 -16.23 -1.14 -25.47
N GLU A 60 -17.07 -2.17 -25.64
CA GLU A 60 -18.38 -2.03 -26.30
C GLU A 60 -19.53 -1.72 -25.34
N ARG A 61 -19.28 -1.80 -24.04
CA ARG A 61 -20.36 -1.66 -23.07
C ARG A 61 -20.77 -0.18 -22.94
N PRO A 62 -22.03 0.07 -22.56
CA PRO A 62 -22.45 1.48 -22.47
C PRO A 62 -21.74 2.26 -21.36
N PHE A 63 -21.27 1.57 -20.32
CA PHE A 63 -20.55 2.22 -19.21
C PHE A 63 -19.05 2.43 -19.49
N PHE A 64 -18.55 2.05 -20.67
CA PHE A 64 -17.10 2.10 -20.91
C PHE A 64 -16.47 3.49 -20.73
N LYS A 65 -17.08 4.50 -21.35
CA LYS A 65 -16.56 5.88 -21.24
C LYS A 65 -16.54 6.35 -19.77
N ASP A 66 -17.62 6.11 -19.04
CA ASP A 66 -17.72 6.54 -17.65
C ASP A 66 -16.67 5.84 -16.77
N LEU A 67 -16.47 4.55 -17.00
CA LEU A 67 -15.50 3.76 -16.28
C LEU A 67 -14.09 4.31 -16.45
N VAL A 68 -13.74 4.60 -17.69
CA VAL A 68 -12.43 5.15 -18.00
C VAL A 68 -12.23 6.53 -17.37
N GLU A 69 -13.22 7.41 -17.48
CA GLU A 69 -13.09 8.71 -16.87
C GLU A 69 -12.95 8.57 -15.34
N PHE A 70 -13.71 7.65 -14.76
CA PHE A 70 -13.62 7.41 -13.33
C PHE A 70 -12.23 6.89 -12.93
N MET A 71 -11.73 5.91 -13.66
CA MET A 71 -10.44 5.33 -13.29
C MET A 71 -9.24 6.24 -13.50
N ILE A 72 -9.38 7.30 -14.30
CA ILE A 72 -8.28 8.26 -14.47
C ILE A 72 -8.50 9.58 -13.73
N SER A 73 -9.55 9.63 -12.91
CA SER A 73 -9.96 10.86 -12.22
C SER A 73 -9.09 11.22 -11.00
N GLY A 74 -8.31 10.28 -10.53
CA GLY A 74 -7.42 10.53 -9.39
C GLY A 74 -6.52 9.34 -9.19
N PRO A 75 -5.59 9.43 -8.24
CA PRO A 75 -4.68 8.30 -7.97
C PRO A 75 -5.40 7.07 -7.49
N VAL A 76 -4.87 5.91 -7.88
CA VAL A 76 -5.29 4.61 -7.42
C VAL A 76 -4.18 3.91 -6.63
N MET A 77 -4.55 2.89 -5.87
CA MET A 77 -3.61 2.09 -5.17
C MET A 77 -3.73 0.69 -5.76
N ILE A 78 -2.65 0.19 -6.34
CA ILE A 78 -2.66 -1.08 -7.07
C ILE A 78 -1.80 -2.08 -6.29
N GLN A 79 -2.30 -3.32 -6.13
CA GLN A 79 -1.51 -4.35 -5.45
C GLN A 79 -1.80 -5.73 -6.00
N VAL A 80 -0.83 -6.63 -5.81
CA VAL A 80 -1.00 -8.04 -6.10
C VAL A 80 -1.23 -8.73 -4.77
N LEU A 81 -2.28 -9.54 -4.72
CA LEU A 81 -2.66 -10.28 -3.54
C LEU A 81 -2.36 -11.75 -3.79
N GLU A 82 -1.69 -12.40 -2.83
CA GLU A 82 -1.33 -13.80 -2.99
C GLU A 82 -1.86 -14.63 -1.83
N GLY A 83 -2.42 -15.80 -2.12
CA GLY A 83 -2.84 -16.72 -1.10
C GLY A 83 -3.63 -17.88 -1.69
N GLU A 84 -4.06 -18.80 -0.83
CA GLU A 84 -4.90 -19.89 -1.29
C GLU A 84 -6.20 -19.32 -1.82
N ASP A 85 -6.55 -19.69 -3.06
CA ASP A 85 -7.81 -19.32 -3.66
C ASP A 85 -7.96 -17.78 -3.73
N ALA A 86 -6.86 -17.07 -3.89
CA ALA A 86 -6.84 -15.62 -3.78
C ALA A 86 -7.82 -14.95 -4.72
N ILE A 87 -7.94 -15.47 -5.94
CA ILE A 87 -8.77 -14.82 -6.95
C ILE A 87 -10.22 -14.73 -6.46
N LEU A 88 -10.82 -15.88 -6.18
CA LEU A 88 -12.19 -15.93 -5.63
C LEU A 88 -12.31 -15.24 -4.28
N LYS A 89 -11.31 -15.43 -3.43
CA LYS A 89 -11.34 -14.87 -2.10
C LYS A 89 -11.46 -13.34 -2.20
N ASN A 90 -10.62 -12.76 -3.04
CA ASN A 90 -10.67 -11.32 -3.27
C ASN A 90 -12.06 -10.88 -3.75
N ARG A 91 -12.61 -11.60 -4.74
CA ARG A 91 -13.93 -11.28 -5.29
C ARG A 91 -15.00 -11.36 -4.20
N ASP A 92 -14.92 -12.37 -3.34
CA ASP A 92 -15.86 -12.49 -2.22
C ASP A 92 -15.77 -11.31 -1.25
N LEU A 93 -14.55 -10.83 -1.02
CA LEU A 93 -14.33 -9.67 -0.15
C LEU A 93 -14.85 -8.36 -0.78
N MET A 94 -14.72 -8.25 -2.09
CA MET A 94 -15.15 -7.08 -2.83
C MET A 94 -16.67 -6.94 -2.82
N GLY A 95 -17.38 -8.03 -3.09
CA GLY A 95 -18.85 -8.02 -3.23
C GLY A 95 -19.28 -7.67 -4.64
N ALA A 96 -20.59 -7.63 -4.85
CA ALA A 96 -21.18 -7.44 -6.18
C ALA A 96 -20.83 -6.08 -6.76
N THR A 97 -20.79 -6.03 -8.09
CA THR A 97 -20.39 -4.83 -8.81
C THR A 97 -21.17 -3.60 -8.34
N ASP A 98 -22.46 -3.77 -8.13
CA ASP A 98 -23.30 -2.68 -7.65
C ASP A 98 -23.28 -2.68 -6.14
N PRO A 99 -22.71 -1.63 -5.52
CA PRO A 99 -22.68 -1.52 -4.05
C PRO A 99 -24.04 -1.66 -3.38
N LYS A 100 -25.10 -1.22 -4.06
CA LYS A 100 -26.47 -1.35 -3.56
C LYS A 100 -26.90 -2.82 -3.45
N LYS A 101 -26.31 -3.67 -4.29
CA LYS A 101 -26.63 -5.10 -4.30
C LYS A 101 -25.60 -5.95 -3.57
N ALA A 102 -24.47 -5.36 -3.18
CA ALA A 102 -23.41 -6.08 -2.49
C ALA A 102 -23.81 -6.45 -1.08
N GLU A 103 -23.37 -7.61 -0.63
CA GLU A 103 -23.67 -8.10 0.73
C GLU A 103 -23.04 -7.19 1.78
N LYS A 104 -23.74 -7.01 2.90
CA LYS A 104 -23.20 -6.29 4.05
C LYS A 104 -21.87 -6.91 4.43
N GLY A 105 -20.89 -6.09 4.75
CA GLY A 105 -19.56 -6.56 5.14
C GLY A 105 -18.55 -6.66 4.00
N THR A 106 -19.00 -6.57 2.76
CA THR A 106 -18.08 -6.50 1.63
C THR A 106 -17.51 -5.08 1.48
N ILE A 107 -16.42 -4.98 0.73
CA ILE A 107 -15.74 -3.70 0.52
C ILE A 107 -16.65 -2.75 -0.22
N ARG A 108 -17.33 -3.27 -1.24
CA ARG A 108 -18.22 -2.44 -2.05
C ARG A 108 -19.43 -1.95 -1.25
N ALA A 109 -20.06 -2.82 -0.47
CA ALA A 109 -21.11 -2.40 0.44
C ALA A 109 -20.61 -1.32 1.42
N ASP A 110 -19.45 -1.56 2.01
CA ASP A 110 -19.01 -0.72 3.13
C ASP A 110 -18.38 0.59 2.71
N PHE A 111 -17.76 0.62 1.53
CA PHE A 111 -17.02 1.81 1.11
C PHE A 111 -17.49 2.49 -0.17
N ALA A 112 -18.58 1.99 -0.76
CA ALA A 112 -19.15 2.61 -1.97
C ALA A 112 -20.66 2.77 -1.85
N ASP A 113 -21.22 3.65 -2.67
CA ASP A 113 -22.66 3.93 -2.63
C ASP A 113 -23.38 3.60 -3.94
N SER A 114 -22.66 3.68 -5.07
CA SER A 114 -23.26 3.37 -6.37
C SER A 114 -22.29 2.68 -7.29
N ILE A 115 -22.84 2.06 -8.34
CA ILE A 115 -22.05 1.35 -9.33
C ILE A 115 -21.08 2.28 -10.09
N ASP A 116 -21.38 3.58 -10.06
CA ASP A 116 -20.59 4.63 -10.70
C ASP A 116 -19.27 4.90 -10.00
N ALA A 117 -19.14 4.49 -8.74
CA ALA A 117 -17.90 4.61 -7.99
C ALA A 117 -17.89 3.51 -6.95
N ASN A 118 -17.29 2.38 -7.32
CA ASN A 118 -17.45 1.16 -6.54
C ASN A 118 -16.19 0.61 -5.89
N ALA A 119 -15.25 1.51 -5.61
CA ALA A 119 -14.17 1.33 -4.63
C ALA A 119 -13.02 0.41 -5.03
N VAL A 120 -13.34 -0.75 -5.58
CA VAL A 120 -12.32 -1.77 -5.85
C VAL A 120 -12.50 -2.50 -7.16
N HIS A 121 -11.35 -2.98 -7.67
CA HIS A 121 -11.24 -3.93 -8.77
C HIS A 121 -10.54 -5.21 -8.30
N GLY A 122 -10.92 -6.33 -8.89
CA GLY A 122 -10.21 -7.60 -8.73
C GLY A 122 -10.29 -8.49 -9.95
N SER A 123 -9.18 -9.15 -10.30
CA SER A 123 -9.16 -10.02 -11.48
C SER A 123 -10.24 -11.07 -11.28
N ASP A 124 -10.88 -11.50 -12.36
CA ASP A 124 -12.01 -12.40 -12.22
C ASP A 124 -11.75 -13.86 -12.60
N ALA A 125 -10.55 -14.16 -13.09
CA ALA A 125 -10.20 -15.55 -13.47
C ALA A 125 -8.69 -15.67 -13.55
N PRO A 126 -8.16 -16.91 -13.60
CA PRO A 126 -6.71 -17.09 -13.73
C PRO A 126 -6.10 -16.36 -14.92
N GLU A 127 -6.77 -16.45 -16.07
CA GLU A 127 -6.25 -15.85 -17.31
C GLU A 127 -6.18 -14.33 -17.16
N THR A 128 -7.26 -13.71 -16.71
CA THR A 128 -7.29 -12.24 -16.52
C THR A 128 -6.33 -11.82 -15.40
N ALA A 129 -6.24 -12.59 -14.32
CA ALA A 129 -5.25 -12.31 -13.28
C ALA A 129 -3.83 -12.22 -13.83
N ARG A 130 -3.44 -13.16 -14.68
CA ARG A 130 -2.10 -13.15 -15.27
C ARG A 130 -1.82 -11.90 -16.11
N VAL A 131 -2.79 -11.53 -16.95
CA VAL A 131 -2.67 -10.40 -17.86
C VAL A 131 -2.62 -9.12 -17.05
N GLU A 132 -3.50 -9.00 -16.06
CA GLU A 132 -3.56 -7.77 -15.24
C GLU A 132 -2.34 -7.53 -14.36
N ILE A 133 -1.79 -8.60 -13.78
CA ILE A 133 -0.57 -8.49 -13.00
C ILE A 133 0.58 -8.05 -13.89
N ALA A 134 0.72 -8.66 -15.05
CA ALA A 134 1.83 -8.34 -15.96
C ALA A 134 1.71 -6.93 -16.55
N PHE A 135 0.47 -6.44 -16.66
CA PHE A 135 0.25 -5.08 -17.10
C PHE A 135 0.86 -4.06 -16.13
N PHE A 136 0.65 -4.27 -14.83
CA PHE A 136 1.04 -3.29 -13.83
C PHE A 136 2.38 -3.51 -13.14
N PHE A 137 2.89 -4.73 -13.10
CA PHE A 137 4.15 -5.02 -12.40
C PHE A 137 5.08 -5.92 -13.20
N PRO A 138 6.38 -5.61 -13.22
CA PRO A 138 7.34 -6.58 -13.70
C PRO A 138 7.52 -7.62 -12.59
N GLU A 139 7.90 -8.85 -12.94
CA GLU A 139 8.02 -9.92 -11.92
C GLU A 139 9.08 -9.64 -10.84
N MET A 140 10.09 -8.84 -11.18
CA MET A 140 11.14 -8.46 -10.23
C MET A 140 10.60 -7.54 -9.12
N ASN A 141 9.41 -6.99 -9.31
CA ASN A 141 8.76 -6.16 -8.30
C ASN A 141 7.54 -6.83 -7.63
N VAL A 142 7.43 -8.16 -7.79
CA VAL A 142 6.46 -8.97 -7.06
C VAL A 142 7.25 -9.93 -6.16
N TYR A 143 6.97 -9.88 -4.85
CA TYR A 143 7.75 -10.60 -3.86
C TYR A 143 6.95 -11.64 -3.06
N SER A 144 6.89 -12.87 -3.55
CA SER A 144 6.17 -13.91 -2.84
C SER A 144 6.80 -14.16 -1.47
N ARG A 145 5.97 -14.45 -0.47
CA ARG A 145 6.49 -14.79 0.85
C ARG A 145 5.50 -15.67 1.59
N ALA B 6 -1.24 22.40 4.67
CA ALA B 6 -1.10 20.93 4.95
C ALA B 6 -0.37 20.20 3.83
N LEU B 7 0.59 20.87 3.20
CA LEU B 7 1.38 20.27 2.12
C LEU B 7 2.68 19.60 2.62
N GLU B 8 2.95 19.63 3.93
CA GLU B 8 4.14 18.95 4.49
C GLU B 8 4.10 17.44 4.18
N ARG B 9 5.27 16.88 3.81
CA ARG B 9 5.40 15.46 3.44
CA ARG B 9 5.38 15.47 3.47
C ARG B 9 6.51 14.82 4.27
N THR B 10 6.35 13.55 4.59
CA THR B 10 7.38 12.78 5.25
C THR B 10 7.46 11.37 4.64
N LEU B 11 8.64 10.75 4.77
CA LEU B 11 8.89 9.40 4.25
C LEU B 11 8.68 8.38 5.33
N SER B 12 7.79 7.44 5.04
CA SER B 12 7.47 6.33 5.92
C SER B 12 7.87 4.99 5.29
N ILE B 13 8.43 4.10 6.08
CA ILE B 13 8.65 2.72 5.65
C ILE B 13 8.06 1.78 6.68
N ILE B 14 7.32 0.79 6.17
CA ILE B 14 6.90 -0.34 6.95
C ILE B 14 7.95 -1.41 6.69
N LYS B 15 8.60 -1.82 7.77
CA LYS B 15 9.83 -2.59 7.71
C LYS B 15 9.50 -4.06 7.52
N PRO B 16 10.51 -4.88 7.19
CA PRO B 16 10.19 -6.26 6.79
C PRO B 16 9.46 -7.10 7.83
N ASP B 17 9.73 -6.85 9.11
CA ASP B 17 9.04 -7.52 10.21
C ASP B 17 7.50 -7.31 10.17
N ALA B 18 7.07 -6.05 10.00
CA ALA B 18 5.64 -5.71 9.97
C ALA B 18 4.97 -6.16 8.65
N VAL B 19 5.69 -6.09 7.55
CA VAL B 19 5.18 -6.62 6.29
C VAL B 19 4.89 -8.10 6.46
N ALA B 20 5.85 -8.81 7.06
CA ALA B 20 5.73 -10.27 7.26
C ALA B 20 4.57 -10.64 8.18
N LYS B 21 4.21 -9.72 9.07
CA LYS B 21 3.06 -9.88 9.94
C LYS B 21 1.73 -9.56 9.25
N ASN B 22 1.78 -9.05 8.03
CA ASN B 22 0.59 -8.69 7.28
C ASN B 22 -0.28 -7.68 8.06
N VAL B 23 0.37 -6.66 8.59
CA VAL B 23 -0.32 -5.57 9.26
C VAL B 23 -0.12 -4.22 8.56
N ILE B 24 0.12 -4.26 7.25
CA ILE B 24 0.29 -3.06 6.45
C ILE B 24 -0.98 -2.21 6.53
N GLY B 25 -2.14 -2.85 6.37
CA GLY B 25 -3.41 -2.16 6.46
C GLY B 25 -3.65 -1.47 7.79
N GLN B 26 -3.39 -2.18 8.87
CA GLN B 26 -3.58 -1.59 10.20
C GLN B 26 -2.68 -0.37 10.40
N ILE B 27 -1.43 -0.44 9.94
CA ILE B 27 -0.53 0.69 10.02
C ILE B 27 -1.00 1.88 9.18
N TYR B 28 -1.35 1.61 7.93
CA TYR B 28 -1.96 2.60 7.05
C TYR B 28 -3.17 3.31 7.71
N SER B 29 -4.02 2.53 8.37
CA SER B 29 -5.18 3.11 9.06
C SER B 29 -4.77 4.05 10.19
N ARG B 30 -3.65 3.75 10.88
CA ARG B 30 -3.13 4.70 11.86
C ARG B 30 -2.84 6.04 11.18
N PHE B 31 -2.19 5.99 10.02
CA PHE B 31 -1.88 7.24 9.31
C PHE B 31 -3.16 7.93 8.88
N GLU B 32 -4.03 7.19 8.21
CA GLU B 32 -5.22 7.79 7.57
C GLU B 32 -6.24 8.30 8.58
N ASN B 33 -6.47 7.52 9.62
CA ASN B 33 -7.36 7.96 10.70
C ASN B 33 -6.87 9.21 11.42
N ALA B 34 -5.54 9.41 11.41
CA ALA B 34 -4.92 10.57 12.05
C ALA B 34 -4.93 11.82 11.16
N GLY B 35 -5.42 11.70 9.92
CA GLY B 35 -5.49 12.85 9.02
C GLY B 35 -4.40 12.98 7.98
N LEU B 36 -3.45 12.04 7.96
CA LEU B 36 -2.43 11.99 6.92
C LEU B 36 -3.00 11.32 5.64
N LYS B 37 -2.60 11.81 4.48
CA LYS B 37 -2.95 11.19 3.22
C LYS B 37 -1.74 10.45 2.65
N ILE B 38 -2.01 9.26 2.14
CA ILE B 38 -1.02 8.46 1.46
C ILE B 38 -0.98 8.95 0.00
N VAL B 39 0.11 9.65 -0.35
CA VAL B 39 0.25 10.31 -1.65
C VAL B 39 1.30 9.72 -2.59
N ALA B 40 2.12 8.81 -2.08
CA ALA B 40 2.93 7.91 -2.91
C ALA B 40 3.12 6.62 -2.14
N ALA B 41 3.29 5.52 -2.86
CA ALA B 41 3.47 4.22 -2.21
C ALA B 41 4.02 3.19 -3.20
N ARG B 42 4.85 2.29 -2.67
CA ARG B 42 5.43 1.22 -3.45
C ARG B 42 5.93 0.11 -2.52
N MET B 43 5.67 -1.15 -2.84
CA MET B 43 6.38 -2.27 -2.21
C MET B 43 7.68 -2.52 -2.93
N ALA B 44 8.75 -2.67 -2.15
CA ALA B 44 10.09 -2.86 -2.70
C ALA B 44 10.90 -3.83 -1.86
N HIS B 45 11.99 -4.31 -2.42
CA HIS B 45 12.94 -5.07 -1.65
C HIS B 45 14.29 -4.37 -1.85
N LEU B 46 14.79 -3.76 -0.78
CA LEU B 46 15.99 -2.96 -0.88
C LEU B 46 17.23 -3.81 -1.15
N SER B 47 18.12 -3.27 -1.97
CA SER B 47 19.43 -3.87 -2.13
C SER B 47 20.25 -3.49 -0.91
N ARG B 48 21.33 -4.19 -0.64
CA ARG B 48 22.25 -3.81 0.41
C ARG B 48 22.80 -2.39 0.23
N ALA B 49 23.21 -2.09 -1.00
CA ALA B 49 23.76 -0.77 -1.27
C ALA B 49 22.74 0.34 -1.03
N ASP B 50 21.48 0.09 -1.35
CA ASP B 50 20.46 1.10 -1.10
C ASP B 50 20.15 1.27 0.39
N ALA B 51 20.14 0.17 1.13
CA ALA B 51 19.93 0.25 2.57
C ALA B 51 21.10 1.03 3.22
N GLU B 52 22.33 0.73 2.77
CA GLU B 52 23.52 1.40 3.31
C GLU B 52 23.53 2.89 3.07
N LYS B 53 23.07 3.29 1.89
CA LYS B 53 22.93 4.68 1.55
C LYS B 53 21.81 5.34 2.35
N PHE B 54 20.63 4.72 2.37
CA PHE B 54 19.52 5.30 3.09
C PHE B 54 19.84 5.52 4.58
N TYR B 55 20.59 4.60 5.18
CA TYR B 55 21.01 4.68 6.58
C TYR B 55 22.46 5.12 6.75
N ALA B 56 22.94 5.93 5.81
CA ALA B 56 24.35 6.37 5.79
C ALA B 56 24.76 7.10 7.07
N VAL B 57 23.85 7.87 7.66
CA VAL B 57 24.11 8.60 8.91
C VAL B 57 24.54 7.69 10.07
N HIS B 58 24.23 6.40 10.00
CA HIS B 58 24.60 5.42 11.03
C HIS B 58 25.77 4.52 10.63
N ALA B 59 26.42 4.83 9.51
CA ALA B 59 27.50 3.98 8.99
C ALA B 59 28.63 3.71 9.99
N GLU B 60 28.88 4.62 10.92
CA GLU B 60 29.94 4.44 11.91
C GLU B 60 29.42 3.76 13.19
N ARG B 61 28.11 3.66 13.36
CA ARG B 61 27.53 2.98 14.54
C ARG B 61 27.73 1.45 14.44
N PRO B 62 27.97 0.75 15.58
CA PRO B 62 28.16 -0.72 15.51
C PRO B 62 26.87 -1.53 15.31
N PHE B 63 25.71 -0.90 15.42
CA PHE B 63 24.48 -1.57 14.97
C PHE B 63 24.24 -1.46 13.45
N PHE B 64 25.14 -0.78 12.73
CA PHE B 64 24.96 -0.59 11.28
C PHE B 64 24.79 -1.90 10.51
N LYS B 65 25.72 -2.83 10.65
CA LYS B 65 25.69 -4.07 9.84
C LYS B 65 24.39 -4.85 10.02
N ASP B 66 23.89 -4.90 11.26
CA ASP B 66 22.64 -5.59 11.59
C ASP B 66 21.42 -4.86 11.00
N LEU B 67 21.44 -3.54 11.10
CA LEU B 67 20.37 -2.70 10.59
C LEU B 67 20.19 -2.88 9.07
N VAL B 68 21.27 -2.81 8.34
CA VAL B 68 21.25 -3.08 6.91
C VAL B 68 20.75 -4.51 6.63
N GLU B 69 21.27 -5.51 7.34
CA GLU B 69 20.84 -6.90 7.12
C GLU B 69 19.33 -7.05 7.33
N PHE B 70 18.83 -6.41 8.38
CA PHE B 70 17.43 -6.49 8.68
C PHE B 70 16.58 -5.86 7.59
N MET B 71 17.04 -4.71 7.08
CA MET B 71 16.28 -3.94 6.12
C MET B 71 16.23 -4.55 4.75
N ILE B 72 17.15 -5.48 4.46
CA ILE B 72 17.14 -6.16 3.18
C ILE B 72 16.65 -7.60 3.35
N SER B 73 16.18 -7.94 4.55
CA SER B 73 15.78 -9.33 4.89
C SER B 73 14.45 -9.74 4.27
N GLY B 74 13.69 -8.79 3.77
CA GLY B 74 12.40 -9.06 3.17
C GLY B 74 11.88 -7.77 2.54
N PRO B 75 10.77 -7.87 1.81
CA PRO B 75 10.18 -6.67 1.23
C PRO B 75 9.70 -5.67 2.28
N VAL B 76 9.67 -4.41 1.86
CA VAL B 76 9.16 -3.31 2.66
C VAL B 76 8.04 -2.60 1.90
N MET B 77 7.21 -1.87 2.62
CA MET B 77 6.19 -1.01 2.05
C MET B 77 6.59 0.44 2.31
N ILE B 78 6.82 1.19 1.24
CA ILE B 78 7.29 2.56 1.35
C ILE B 78 6.21 3.53 0.90
N GLN B 79 5.99 4.60 1.66
CA GLN B 79 4.98 5.60 1.32
C GLN B 79 5.32 7.00 1.75
N VAL B 80 4.80 7.96 1.02
CA VAL B 80 4.90 9.36 1.40
C VAL B 80 3.59 9.73 2.04
N LEU B 81 3.68 10.35 3.21
CA LEU B 81 2.51 10.78 3.96
C LEU B 81 2.46 12.29 3.93
N GLU B 82 1.28 12.83 3.63
CA GLU B 82 1.13 14.27 3.48
C GLU B 82 0.07 14.80 4.43
N GLY B 83 0.36 15.93 5.07
CA GLY B 83 -0.62 16.64 5.86
C GLY B 83 0.00 17.68 6.74
N GLU B 84 -0.84 18.43 7.40
CA GLU B 84 -0.38 19.38 8.38
C GLU B 84 0.45 18.66 9.44
N ASP B 85 1.65 19.20 9.71
CA ASP B 85 2.54 18.66 10.73
C ASP B 85 2.88 17.19 10.49
N ALA B 86 2.93 16.78 9.23
CA ALA B 86 3.11 15.38 8.88
C ALA B 86 4.33 14.73 9.53
N ILE B 87 5.47 15.40 9.50
CA ILE B 87 6.71 14.82 10.00
C ILE B 87 6.54 14.42 11.48
N LEU B 88 6.09 15.35 12.29
CA LEU B 88 5.96 15.12 13.74
C LEU B 88 4.78 14.23 14.08
N LYS B 89 3.72 14.31 13.27
CA LYS B 89 2.52 13.52 13.54
C LYS B 89 2.86 12.05 13.30
N ASN B 90 3.56 11.78 12.21
CA ASN B 90 4.04 10.43 11.94
C ASN B 90 4.91 9.93 13.12
N ARG B 91 5.87 10.75 13.57
CA ARG B 91 6.72 10.35 14.73
C ARG B 91 5.89 10.01 15.97
N ASP B 92 4.85 10.79 16.24
CA ASP B 92 3.95 10.52 17.35
C ASP B 92 3.20 9.20 17.20
N LEU B 93 2.77 8.91 15.97
CA LEU B 93 2.09 7.67 15.64
C LEU B 93 3.01 6.46 15.73
N MET B 94 4.25 6.61 15.27
CA MET B 94 5.25 5.54 15.39
C MET B 94 5.59 5.20 16.86
N GLY B 95 5.78 6.21 17.68
CA GLY B 95 6.27 6.01 19.04
C GLY B 95 7.79 5.91 19.07
N ALA B 96 8.35 5.71 20.27
CA ALA B 96 9.79 5.69 20.47
C ALA B 96 10.48 4.54 19.74
N THR B 97 11.75 4.76 19.41
CA THR B 97 12.55 3.82 18.64
C THR B 97 12.57 2.42 19.28
N ASP B 98 12.83 2.35 20.59
CA ASP B 98 12.73 1.08 21.32
C ASP B 98 11.26 0.81 21.59
N PRO B 99 10.69 -0.25 20.96
CA PRO B 99 9.29 -0.58 21.20
C PRO B 99 8.92 -0.80 22.69
N LYS B 100 9.91 -1.17 23.51
CA LYS B 100 9.72 -1.31 24.95
C LYS B 100 9.50 0.04 25.66
N LYS B 101 10.03 1.12 25.07
CA LYS B 101 9.83 2.48 25.61
C LYS B 101 8.64 3.19 24.96
N ALA B 102 8.12 2.64 23.87
CA ALA B 102 7.06 3.32 23.10
C ALA B 102 5.73 3.33 23.85
N GLU B 103 5.00 4.45 23.77
CA GLU B 103 3.73 4.56 24.48
C GLU B 103 2.68 3.63 23.92
N LYS B 104 1.78 3.16 24.79
CA LYS B 104 0.68 2.28 24.40
C LYS B 104 -0.07 2.90 23.23
N GLY B 105 -0.41 2.09 22.25
CA GLY B 105 -1.21 2.55 21.13
C GLY B 105 -0.41 3.14 19.98
N THR B 106 0.90 3.29 20.14
CA THR B 106 1.75 3.68 19.02
C THR B 106 2.00 2.45 18.16
N ILE B 107 2.44 2.67 16.94
CA ILE B 107 2.73 1.58 16.01
C ILE B 107 3.82 0.66 16.61
N ARG B 108 4.88 1.26 17.13
CA ARG B 108 5.96 0.43 17.64
C ARG B 108 5.55 -0.39 18.88
N ALA B 109 4.75 0.20 19.75
CA ALA B 109 4.28 -0.54 20.94
C ALA B 109 3.38 -1.70 20.54
N ASP B 110 2.56 -1.49 19.51
CA ASP B 110 1.58 -2.49 19.10
C ASP B 110 2.12 -3.59 18.19
N PHE B 111 3.13 -3.29 17.37
CA PHE B 111 3.58 -4.21 16.33
C PHE B 111 5.07 -4.58 16.36
N ALA B 112 5.81 -4.09 17.35
CA ALA B 112 7.23 -4.45 17.46
C ALA B 112 7.54 -4.93 18.86
N ASP B 113 8.60 -5.73 18.98
CA ASP B 113 9.10 -6.22 20.29
C ASP B 113 10.44 -5.63 20.71
N SER B 114 11.29 -5.33 19.72
CA SER B 114 12.68 -4.94 19.97
C SER B 114 13.16 -3.87 19.01
N ILE B 115 14.20 -3.14 19.44
CA ILE B 115 14.75 -2.02 18.67
C ILE B 115 15.25 -2.45 17.28
N ASP B 116 15.78 -3.66 17.19
CA ASP B 116 16.37 -4.12 15.92
C ASP B 116 15.33 -4.49 14.89
N ALA B 117 14.08 -4.75 15.33
CA ALA B 117 12.95 -4.96 14.44
C ALA B 117 11.75 -4.14 14.93
N ASN B 118 11.76 -2.86 14.60
CA ASN B 118 10.78 -1.95 15.18
C ASN B 118 9.73 -1.40 14.22
N ALA B 119 9.37 -2.22 13.23
CA ALA B 119 8.14 -2.07 12.43
C ALA B 119 8.09 -0.93 11.41
N VAL B 120 8.58 0.25 11.78
CA VAL B 120 8.44 1.42 10.92
C VAL B 120 9.60 2.37 11.00
N HIS B 121 9.75 3.12 9.90
CA HIS B 121 10.64 4.26 9.78
C HIS B 121 9.81 5.49 9.49
N GLY B 122 10.30 6.62 9.99
CA GLY B 122 9.79 7.94 9.56
C GLY B 122 10.86 9.02 9.55
N SER B 123 10.80 9.91 8.57
CA SER B 123 11.75 11.02 8.51
C SER B 123 11.73 11.79 9.82
N ASP B 124 12.90 12.22 10.28
CA ASP B 124 13.00 12.92 11.56
C ASP B 124 13.06 14.44 11.49
N ALA B 125 13.10 15.00 10.28
CA ALA B 125 13.27 16.45 10.15
C ALA B 125 12.90 16.89 8.76
N PRO B 126 12.64 18.19 8.55
CA PRO B 126 12.28 18.62 7.21
C PRO B 126 13.33 18.24 6.16
N GLU B 127 14.60 18.44 6.49
CA GLU B 127 15.66 18.13 5.53
C GLU B 127 15.77 16.62 5.22
N THR B 128 15.59 15.77 6.22
CA THR B 128 15.69 14.34 5.96
C THR B 128 14.45 13.88 5.21
N ALA B 129 13.29 14.45 5.51
CA ALA B 129 12.09 14.15 4.71
C ALA B 129 12.35 14.45 3.22
N ARG B 130 12.92 15.60 2.92
CA ARG B 130 13.17 15.96 1.50
C ARG B 130 14.08 14.94 0.82
N VAL B 131 15.16 14.57 1.49
CA VAL B 131 16.15 13.68 0.92
C VAL B 131 15.59 12.27 0.79
N GLU B 132 14.89 11.82 1.82
CA GLU B 132 14.40 10.45 1.82
C GLU B 132 13.27 10.25 0.81
N ILE B 133 12.40 11.24 0.68
CA ILE B 133 11.36 11.22 -0.36
C ILE B 133 11.98 11.15 -1.76
N ALA B 134 12.97 12.00 -2.00
CA ALA B 134 13.62 12.09 -3.31
C ALA B 134 14.41 10.81 -3.61
N PHE B 135 14.87 10.15 -2.55
CA PHE B 135 15.58 8.88 -2.71
C PHE B 135 14.68 7.77 -3.27
N PHE B 136 13.46 7.67 -2.77
CA PHE B 136 12.54 6.61 -3.17
C PHE B 136 11.57 6.92 -4.27
N PHE B 137 11.22 8.19 -4.49
CA PHE B 137 10.19 8.52 -5.47
C PHE B 137 10.61 9.69 -6.38
N PRO B 138 10.33 9.58 -7.71
CA PRO B 138 10.36 10.77 -8.54
C PRO B 138 9.13 11.58 -8.23
N GLU B 139 9.19 12.91 -8.35
CA GLU B 139 8.00 13.74 -8.04
C GLU B 139 6.78 13.37 -8.88
N MET B 140 7.00 12.89 -10.10
CA MET B 140 5.89 12.48 -10.95
C MET B 140 5.10 11.29 -10.38
N ASN B 141 5.67 10.56 -9.42
CA ASN B 141 4.95 9.49 -8.75
C ASN B 141 4.52 9.85 -7.34
N VAL B 142 4.49 11.15 -7.02
CA VAL B 142 3.88 11.62 -5.79
C VAL B 142 2.70 12.49 -6.19
N TYR B 143 1.52 12.15 -5.66
CA TYR B 143 0.22 12.72 -6.08
C TYR B 143 -0.49 13.42 -4.92
N SER B 144 -0.15 14.68 -4.72
CA SER B 144 -0.75 15.47 -3.66
C SER B 144 -2.25 15.58 -3.93
N ARG B 145 -3.01 15.57 -2.85
CA ARG B 145 -4.45 15.68 -2.95
C ARG B 145 -5.01 16.12 -1.62
#